data_5BPP
#
_entry.id   5BPP
#
_cell.length_a   77.983
_cell.length_b   87.186
_cell.length_c   99.434
_cell.angle_alpha   90.00
_cell.angle_beta   90.00
_cell.angle_gamma   90.00
#
_symmetry.space_group_name_H-M   'P 21 21 21'
#
loop_
_entity.id
_entity.type
_entity.pdbx_description
1 polymer 'Leukotriene A-4 hydrolase'
2 non-polymer 'ZINC ION'
3 non-polymer 'YTTERBIUM (III) ION'
4 non-polymer 'ACETATE ION'
5 non-polymer 2-(4-butoxyphenyl)-N-hydroxyacetamide
6 water water
#
_entity_poly.entity_id   1
_entity_poly.type   'polypeptide(L)'
_entity_poly.pdbx_seq_one_letter_code
;MGSSHHHHHHSSGLVPRGSHMPEIVDTCSLASPASVCRTKHLHLRCSVDFTRRTLTGTAALTVQSQEDNLRSLVLDTKDL
TIEKVVINGQEVKYALGERQSYKGSPMEISLPIALSKNQEIVIEISFETSPKSSALQWLTPEQTSGKEHPYLFSQCQAIH
CRAILPCQDTPSVKLTYTAEVSVPKELVALMSAIRDGETPDPEDPSRKIYKFIQKVPIPCYLIALVVGALESRQIGPRTL
VWSEKEQVEKSAYEFSETESMLKIAEDLGGPYVWGQYDLLVLPPSFPYGGMENPCLTFVTPTLLAGDKSLSNVIAHEISH
SWTGNLVTNKTWDHFWLNEGHTVYLERHICGRLFGEKFRHFNALGGWGELQNSVKTFGETHPFTKLVVDLTDIDPDVAYS
SVPYEKGFALLFYLEQLLGGPEIFLGFLKAYVEKFSYKSITTDDWKDFLYSYFKDKVDVLNQVDWNAWLYSPGLPPIKPN
YDMTLTNACIALSQRWITAKEDDLNSFNATDLKDLSSHQLNEFLAQTLQRAPLPLGHIKRMQEVYNFNAINNSEIRFRWL
RLCIQSKWEDAIPLALKMATEQGRMKFTRPLFKDLAAFDKSHDQAVRTYQEHKASMHPVTAMLVGKDLKVD
;
_entity_poly.pdbx_strand_id   A
#
loop_
_chem_comp.id
_chem_comp.type
_chem_comp.name
_chem_comp.formula
A4Z non-polymer 2-(4-butoxyphenyl)-N-hydroxyacetamide 'C12 H17 N O3'
ACT non-polymer 'ACETATE ION' 'C2 H3 O2 -1'
YB non-polymer 'YTTERBIUM (III) ION' 'Yb 3'
ZN non-polymer 'ZINC ION' 'Zn 2'
#
# COMPACT_ATOMS: atom_id res chain seq x y z
N VAL A 25 12.35 19.65 4.38
CA VAL A 25 12.96 19.19 3.06
C VAL A 25 12.51 17.78 2.70
N ASP A 26 12.01 17.57 1.49
CA ASP A 26 11.62 16.23 1.10
C ASP A 26 12.83 15.52 0.52
N THR A 27 13.44 14.62 1.30
CA THR A 27 14.69 14.09 0.82
C THR A 27 14.52 12.96 -0.20
N CYS A 28 13.29 12.61 -0.57
CA CYS A 28 13.08 11.64 -1.63
C CYS A 28 12.86 12.31 -3.02
N SER A 29 12.68 13.63 -3.05
CA SER A 29 12.42 14.32 -4.30
C SER A 29 13.57 15.24 -4.74
N LEU A 30 13.73 15.33 -6.03
CA LEU A 30 14.68 16.24 -6.62
C LEU A 30 13.99 17.42 -7.20
N ALA A 31 12.66 17.50 -7.12
CA ALA A 31 11.94 18.63 -7.75
C ALA A 31 12.05 19.94 -6.88
N SER A 32 11.72 21.06 -7.46
CA SER A 32 11.66 22.33 -6.72
C SER A 32 10.63 22.10 -5.63
N PRO A 33 10.94 22.55 -4.43
CA PRO A 33 9.97 22.32 -3.36
C PRO A 33 8.79 23.25 -3.44
N ALA A 34 7.77 22.92 -2.64
CA ALA A 34 6.55 23.68 -2.52
C ALA A 34 6.74 25.16 -2.11
N SER A 35 7.87 25.46 -1.49
CA SER A 35 8.18 26.86 -1.13
C SER A 35 8.62 27.66 -2.38
N VAL A 36 8.97 26.98 -3.44
CA VAL A 36 9.36 27.60 -4.70
C VAL A 36 8.21 27.72 -5.70
N CYS A 37 7.53 26.59 -5.98
CA CYS A 37 6.37 26.60 -6.90
C CYS A 37 5.57 25.37 -6.55
N ARG A 38 4.29 25.42 -6.90
CA ARG A 38 3.37 24.38 -6.60
C ARG A 38 2.59 24.02 -7.80
N THR A 39 2.57 22.74 -8.09
CA THR A 39 1.61 22.24 -9.09
C THR A 39 0.19 22.32 -8.56
N LYS A 40 -0.73 22.97 -9.32
CA LYS A 40 -2.15 23.05 -9.01
C LYS A 40 -2.99 22.09 -9.81
N HIS A 41 -2.57 21.74 -11.02
CA HIS A 41 -3.35 20.83 -11.85
C HIS A 41 -2.46 20.17 -12.91
N LEU A 42 -2.83 18.96 -13.24
CA LEU A 42 -2.27 18.20 -14.30
C LEU A 42 -3.39 17.85 -15.26
N HIS A 43 -3.12 18.14 -16.53
CA HIS A 43 -3.92 17.63 -17.58
C HIS A 43 -3.05 16.66 -18.42
N LEU A 44 -3.40 15.37 -18.32
CA LEU A 44 -2.70 14.26 -18.96
C LEU A 44 -3.42 13.71 -20.20
N ARG A 45 -2.71 13.69 -21.32
CA ARG A 45 -3.21 13.10 -22.57
C ARG A 45 -2.21 12.10 -22.99
N CYS A 46 -2.61 10.84 -22.98
CA CYS A 46 -1.70 9.80 -23.31
C CYS A 46 -2.31 8.58 -24.02
N SER A 47 -1.43 7.73 -24.51
CA SER A 47 -1.81 6.62 -25.30
C SER A 47 -1.04 5.44 -24.76
N VAL A 48 -1.75 4.30 -24.56
CA VAL A 48 -1.15 3.14 -23.99
C VAL A 48 -0.70 2.24 -25.15
N ASP A 49 0.60 2.09 -25.32
CA ASP A 49 1.14 1.26 -26.43
C ASP A 49 1.69 -0.09 -25.95
N PHE A 50 0.86 -1.12 -26.07
CA PHE A 50 1.21 -2.45 -25.59
C PHE A 50 2.28 -3.14 -26.44
N THR A 51 2.38 -2.79 -27.72
CA THR A 51 3.46 -3.37 -28.56
C THR A 51 4.79 -2.85 -28.07
N ARG A 52 4.91 -1.57 -27.77
CA ARG A 52 6.20 -1.05 -27.26
C ARG A 52 6.32 -1.01 -25.71
N ARG A 53 5.25 -1.37 -25.01
CA ARG A 53 5.19 -1.18 -23.52
C ARG A 53 5.57 0.25 -23.09
N THR A 54 4.91 1.22 -23.72
CA THR A 54 5.13 2.62 -23.45
C THR A 54 3.81 3.34 -23.30
N LEU A 55 3.79 4.35 -22.41
CA LEU A 55 2.77 5.41 -22.32
C LEU A 55 3.45 6.60 -22.97
N THR A 56 2.73 7.24 -23.90
CA THR A 56 3.29 8.30 -24.69
C THR A 56 2.32 9.37 -24.61
N GLY A 57 2.77 10.58 -24.28
CA GLY A 57 1.82 11.67 -24.33
C GLY A 57 2.32 13.01 -23.85
N THR A 58 1.38 13.81 -23.40
CA THR A 58 1.69 15.09 -22.83
C THR A 58 1.07 15.18 -21.46
N ALA A 59 1.84 15.81 -20.58
CA ALA A 59 1.46 16.21 -19.22
C ALA A 59 1.51 17.74 -19.19
N ALA A 60 0.34 18.35 -19.04
CA ALA A 60 0.25 19.78 -18.98
C ALA A 60 0.11 20.14 -17.52
N LEU A 61 1.16 20.72 -16.95
CA LEU A 61 1.12 21.11 -15.50
C LEU A 61 0.81 22.59 -15.33
N THR A 62 -0.21 22.91 -14.55
CA THR A 62 -0.46 24.31 -14.12
C THR A 62 0.35 24.53 -12.89
N VAL A 63 1.36 25.41 -12.98
CA VAL A 63 2.31 25.62 -11.91
C VAL A 63 2.16 27.05 -11.40
N GLN A 64 2.11 27.18 -10.09
CA GLN A 64 2.01 28.50 -9.46
C GLN A 64 3.31 28.87 -8.76
N SER A 65 3.86 30.04 -9.09
CA SER A 65 5.10 30.46 -8.47
C SER A 65 4.82 30.87 -7.03
N GLN A 66 5.71 30.54 -6.11
CA GLN A 66 5.54 31.03 -4.77
C GLN A 66 6.59 32.06 -4.50
N GLU A 67 7.40 32.41 -5.53
CA GLU A 67 8.55 33.31 -5.36
C GLU A 67 8.44 34.46 -6.38
N ASP A 68 9.03 35.58 -6.02
CA ASP A 68 9.27 36.61 -6.99
C ASP A 68 10.35 36.24 -8.03
N ASN A 69 10.16 36.65 -9.28
CA ASN A 69 11.17 36.56 -10.29
C ASN A 69 11.64 35.15 -10.48
N LEU A 70 10.68 34.23 -10.55
CA LEU A 70 11.01 32.81 -10.78
C LEU A 70 11.31 32.58 -12.24
N ARG A 71 12.49 32.10 -12.54
CA ARG A 71 12.94 31.88 -13.92
C ARG A 71 13.26 30.43 -14.31
N SER A 72 13.25 29.51 -13.37
CA SER A 72 13.36 28.12 -13.71
C SER A 72 12.75 27.27 -12.63
N LEU A 73 12.49 26.04 -13.00
CA LEU A 73 12.05 25.06 -11.99
C LEU A 73 12.46 23.65 -12.36
N VAL A 74 12.42 22.81 -11.33
CA VAL A 74 12.93 21.44 -11.46
C VAL A 74 11.78 20.44 -11.14
N LEU A 75 11.71 19.42 -11.98
CA LEU A 75 10.74 18.32 -11.84
C LEU A 75 11.49 17.02 -11.70
N ASP A 76 10.85 16.07 -11.04
CA ASP A 76 11.36 14.71 -10.92
C ASP A 76 10.96 13.94 -12.18
N THR A 77 11.84 13.06 -12.66
CA THR A 77 11.57 12.12 -13.74
C THR A 77 12.35 10.87 -13.43
N LYS A 78 11.98 9.75 -14.04
CA LYS A 78 12.75 8.52 -13.87
C LYS A 78 12.52 7.61 -15.11
N ASP A 79 13.57 7.44 -15.90
CA ASP A 79 13.53 6.62 -17.12
C ASP A 79 12.51 7.15 -18.11
N LEU A 80 12.31 8.46 -18.13
CA LEU A 80 11.34 9.10 -19.07
C LEU A 80 12.13 9.57 -20.25
N THR A 81 11.56 9.47 -21.44
CA THR A 81 12.10 10.14 -22.62
C THR A 81 11.30 11.39 -22.87
N ILE A 82 11.98 12.53 -22.89
CA ILE A 82 11.34 13.82 -23.08
C ILE A 82 11.56 14.22 -24.51
N GLU A 83 10.47 14.48 -25.22
CA GLU A 83 10.49 14.96 -26.57
C GLU A 83 10.65 16.46 -26.60
N LYS A 84 9.88 17.21 -25.81
CA LYS A 84 9.95 18.67 -25.80
C LYS A 84 9.13 19.21 -24.64
N VAL A 85 9.38 20.48 -24.36
CA VAL A 85 8.67 21.26 -23.31
C VAL A 85 8.13 22.52 -23.90
N VAL A 86 6.81 22.66 -23.92
CA VAL A 86 6.20 23.82 -24.55
C VAL A 86 5.53 24.72 -23.49
N ILE A 87 5.80 26.02 -23.54
CA ILE A 87 5.10 27.02 -22.74
C ILE A 87 4.71 28.20 -23.67
N ASN A 88 3.46 28.69 -23.55
CA ASN A 88 2.99 29.82 -24.37
C ASN A 88 3.19 29.51 -25.83
N GLY A 89 2.99 28.27 -26.22
CA GLY A 89 2.97 27.90 -27.59
C GLY A 89 4.33 27.77 -28.19
N GLN A 90 5.40 27.96 -27.44
CA GLN A 90 6.75 27.75 -27.98
C GLN A 90 7.61 26.79 -27.13
N GLU A 91 8.54 26.12 -27.80
CA GLU A 91 9.50 25.22 -27.16
C GLU A 91 10.47 25.92 -26.29
N VAL A 92 10.76 25.33 -25.14
CA VAL A 92 11.72 25.98 -24.27
C VAL A 92 12.83 25.09 -23.96
N LYS A 93 13.86 25.68 -23.40
CA LYS A 93 15.02 24.95 -23.01
C LYS A 93 14.79 24.15 -21.71
N TYR A 94 15.37 22.93 -21.68
CA TYR A 94 15.34 22.12 -20.47
C TYR A 94 16.58 21.25 -20.47
N ALA A 95 16.99 20.80 -19.30
CA ALA A 95 18.09 19.83 -19.18
C ALA A 95 17.79 18.73 -18.16
N LEU A 96 18.29 17.54 -18.43
CA LEU A 96 18.14 16.42 -17.54
C LEU A 96 19.47 16.23 -16.84
N GLY A 97 19.45 16.20 -15.52
CA GLY A 97 20.68 16.02 -14.75
C GLY A 97 20.99 14.52 -14.71
N GLU A 98 22.13 14.18 -14.11
CA GLU A 98 22.54 12.82 -13.99
C GLU A 98 21.58 12.06 -13.07
N ARG A 99 21.37 10.82 -13.38
CA ARG A 99 20.56 9.93 -12.57
C ARG A 99 21.10 9.71 -11.14
N GLN A 100 20.22 9.89 -10.16
CA GLN A 100 20.58 9.60 -8.76
C GLN A 100 19.83 8.36 -8.27
N SER A 101 20.19 7.21 -8.82
CA SER A 101 19.71 5.95 -8.35
C SER A 101 18.18 5.88 -8.41
N TYR A 102 17.58 5.34 -7.36
CA TYR A 102 16.12 5.22 -7.19
C TYR A 102 15.35 6.55 -7.29
N LYS A 103 16.02 7.67 -7.10
CA LYS A 103 15.35 8.93 -7.23
C LYS A 103 15.10 9.40 -8.63
N GLY A 104 15.78 8.81 -9.60
CA GLY A 104 15.68 9.25 -10.97
C GLY A 104 16.55 10.45 -11.32
N SER A 105 16.10 11.23 -12.29
CA SER A 105 16.90 12.32 -12.82
C SER A 105 16.10 13.61 -12.79
N PRO A 106 16.72 14.70 -12.36
CA PRO A 106 16.04 15.97 -12.25
C PRO A 106 15.98 16.64 -13.57
N MET A 107 14.81 17.25 -13.87
CA MET A 107 14.61 17.94 -15.13
C MET A 107 14.49 19.44 -14.85
N GLU A 108 15.50 20.20 -15.25
CA GLU A 108 15.45 21.64 -15.08
C GLU A 108 14.82 22.30 -16.31
N ILE A 109 13.81 23.14 -16.10
CA ILE A 109 13.12 23.79 -17.20
C ILE A 109 13.33 25.33 -17.13
N SER A 110 13.77 25.94 -18.22
CA SER A 110 13.98 27.41 -18.28
C SER A 110 12.70 28.09 -18.69
N LEU A 111 12.12 28.88 -17.83
CA LEU A 111 10.85 29.53 -18.18
C LEU A 111 11.12 30.65 -19.21
N PRO A 112 10.22 30.86 -20.17
CA PRO A 112 10.49 31.91 -21.13
C PRO A 112 10.34 33.34 -20.54
N ILE A 113 9.52 33.50 -19.50
CA ILE A 113 9.37 34.80 -18.83
C ILE A 113 9.33 34.64 -17.31
N ALA A 114 10.06 35.50 -16.59
CA ALA A 114 10.10 35.41 -15.13
C ALA A 114 8.74 35.62 -14.54
N LEU A 115 8.44 34.81 -13.50
CA LEU A 115 7.14 34.84 -12.85
C LEU A 115 7.21 35.60 -11.55
N SER A 116 6.13 36.32 -11.29
CA SER A 116 5.96 36.96 -9.99
C SER A 116 5.26 35.95 -9.06
N LYS A 117 5.19 36.29 -7.79
CA LYS A 117 4.63 35.36 -6.83
C LYS A 117 3.14 35.20 -7.10
N ASN A 118 2.64 33.96 -7.03
CA ASN A 118 1.23 33.61 -7.27
C ASN A 118 0.82 33.59 -8.68
N GLN A 119 1.73 33.92 -9.58
CA GLN A 119 1.45 33.82 -10.96
C GLN A 119 1.48 32.34 -11.41
N GLU A 120 0.53 32.00 -12.25
CA GLU A 120 0.38 30.59 -12.75
C GLU A 120 0.69 30.48 -14.19
N ILE A 121 1.37 29.41 -14.62
CA ILE A 121 1.50 29.17 -16.07
C ILE A 121 1.24 27.71 -16.33
N VAL A 122 1.13 27.35 -17.60
CA VAL A 122 0.91 25.99 -17.98
C VAL A 122 2.09 25.51 -18.75
N ILE A 123 2.70 24.42 -18.30
CA ILE A 123 3.84 23.84 -18.90
C ILE A 123 3.49 22.46 -19.47
N GLU A 124 3.62 22.32 -20.78
CA GLU A 124 3.25 21.13 -21.49
C GLU A 124 4.47 20.29 -21.90
N ILE A 125 4.60 19.11 -21.30
CA ILE A 125 5.71 18.23 -21.54
C ILE A 125 5.29 17.00 -22.36
N SER A 126 5.91 16.83 -23.54
CA SER A 126 5.79 15.65 -24.42
C SER A 126 6.74 14.57 -23.95
N PHE A 127 6.20 13.41 -23.59
CA PHE A 127 7.06 12.42 -22.93
C PHE A 127 6.74 10.99 -23.37
N GLU A 128 7.64 10.08 -23.04
CA GLU A 128 7.35 8.67 -23.18
C GLU A 128 7.95 7.86 -22.03
N THR A 129 7.22 6.85 -21.52
CA THR A 129 7.80 5.99 -20.45
C THR A 129 8.68 4.92 -21.05
N SER A 130 9.59 4.41 -20.24
CA SER A 130 10.37 3.18 -20.49
C SER A 130 9.52 1.96 -20.18
N PRO A 131 9.73 0.86 -20.94
CA PRO A 131 9.08 -0.38 -20.60
C PRO A 131 9.52 -0.85 -19.23
N LYS A 132 10.68 -0.39 -18.75
CA LYS A 132 11.12 -0.74 -17.39
C LYS A 132 10.62 0.18 -16.30
N SER A 133 9.70 1.08 -16.60
CA SER A 133 9.16 2.01 -15.59
C SER A 133 8.86 1.27 -14.27
N SER A 134 9.48 1.70 -13.20
CA SER A 134 9.16 1.10 -11.86
C SER A 134 7.73 1.34 -11.36
N ALA A 135 7.01 2.27 -11.99
CA ALA A 135 5.59 2.54 -11.67
C ALA A 135 4.66 1.50 -12.24
N LEU A 136 5.08 0.75 -13.25
CA LEU A 136 4.13 0.02 -14.07
C LEU A 136 4.46 -1.45 -14.12
N GLN A 137 3.42 -2.28 -14.21
CA GLN A 137 3.60 -3.63 -14.73
C GLN A 137 2.77 -3.88 -16.00
N TRP A 138 3.49 -4.34 -17.02
CA TRP A 138 2.88 -4.78 -18.29
C TRP A 138 2.75 -6.29 -18.34
N LEU A 139 1.56 -6.78 -18.58
CA LEU A 139 1.35 -8.22 -18.55
C LEU A 139 0.84 -8.67 -19.93
N THR A 140 1.41 -9.75 -20.42
CA THR A 140 0.95 -10.36 -21.65
C THR A 140 -0.42 -11.04 -21.40
N PRO A 141 -1.12 -11.39 -22.48
CA PRO A 141 -2.32 -12.18 -22.44
C PRO A 141 -2.25 -13.43 -21.53
N GLU A 142 -1.16 -14.17 -21.59
CA GLU A 142 -1.01 -15.39 -20.78
C GLU A 142 -0.86 -15.13 -19.25
N GLN A 143 -0.50 -13.93 -18.82
CA GLN A 143 -0.41 -13.63 -17.37
C GLN A 143 -1.76 -13.16 -16.82
N THR A 144 -2.76 -13.03 -17.70
CA THR A 144 -4.10 -12.67 -17.27
C THR A 144 -5.04 -13.91 -17.06
N SER A 145 -6.16 -13.69 -16.37
CA SER A 145 -7.25 -14.65 -16.35
C SER A 145 -7.85 -15.03 -17.70
N GLY A 146 -8.14 -14.03 -18.57
CA GLY A 146 -8.89 -14.24 -19.80
C GLY A 146 -8.00 -14.84 -20.91
N LYS A 147 -6.69 -14.62 -20.84
CA LYS A 147 -5.75 -15.12 -21.84
C LYS A 147 -5.88 -14.56 -23.23
N GLU A 148 -6.74 -13.59 -23.47
CA GLU A 148 -6.85 -13.03 -24.81
C GLU A 148 -6.24 -11.63 -24.95
N HIS A 149 -6.23 -10.86 -23.87
CA HIS A 149 -5.81 -9.47 -23.87
C HIS A 149 -4.74 -9.20 -22.86
N PRO A 150 -3.95 -8.18 -23.14
CA PRO A 150 -2.88 -7.83 -22.23
C PRO A 150 -3.51 -6.87 -21.19
N TYR A 151 -2.68 -6.38 -20.29
CA TYR A 151 -3.17 -5.63 -19.09
C TYR A 151 -2.00 -4.81 -18.60
N LEU A 152 -2.32 -3.63 -18.07
CA LEU A 152 -1.35 -2.68 -17.54
C LEU A 152 -1.92 -2.16 -16.22
N PHE A 153 -1.09 -2.10 -15.19
CA PHE A 153 -1.44 -1.32 -13.99
C PHE A 153 -0.29 -0.56 -13.43
N SER A 154 -0.65 0.51 -12.68
CA SER A 154 0.31 1.35 -12.05
C SER A 154 0.34 1.16 -10.57
N GLN A 155 1.44 1.57 -9.99
CA GLN A 155 1.53 1.73 -8.54
C GLN A 155 2.57 2.85 -8.20
N CYS A 156 2.07 4.04 -7.85
CA CYS A 156 2.96 5.15 -7.67
C CYS A 156 3.54 5.31 -6.26
N GLN A 157 2.87 4.82 -5.25
CA GLN A 157 3.38 5.01 -3.92
C GLN A 157 4.66 4.22 -3.76
N ALA A 158 5.73 4.79 -3.19
CA ALA A 158 5.84 6.17 -2.70
C ALA A 158 6.23 7.15 -3.77
N ILE A 159 7.32 6.83 -4.50
CA ILE A 159 7.94 7.80 -5.37
C ILE A 159 8.11 7.21 -6.80
N HIS A 160 7.08 6.54 -7.30
CA HIS A 160 7.10 6.04 -8.69
C HIS A 160 6.27 6.85 -9.66
N CYS A 161 5.57 7.87 -9.22
CA CYS A 161 4.87 8.68 -10.24
C CYS A 161 5.84 9.34 -11.22
N ARG A 162 7.06 9.72 -10.79
CA ARG A 162 8.06 10.25 -11.65
C ARG A 162 8.48 9.28 -12.78
N ALA A 163 8.26 7.99 -12.60
CA ALA A 163 8.50 7.02 -13.66
C ALA A 163 7.31 6.87 -14.61
N ILE A 164 6.22 7.58 -14.33
CA ILE A 164 5.15 7.75 -15.34
C ILE A 164 5.17 9.10 -16.07
N LEU A 165 5.36 10.19 -15.33
CA LEU A 165 5.29 11.52 -15.92
C LEU A 165 6.13 12.48 -15.08
N PRO A 166 6.58 13.54 -15.71
CA PRO A 166 7.41 14.46 -15.00
C PRO A 166 6.53 15.23 -14.00
N CYS A 167 6.96 15.38 -12.77
CA CYS A 167 6.09 15.98 -11.71
C CYS A 167 6.89 16.38 -10.53
N GLN A 168 6.32 17.20 -9.64
CA GLN A 168 6.92 17.43 -8.35
C GLN A 168 6.49 16.27 -7.47
N ASP A 169 7.34 15.25 -7.38
CA ASP A 169 6.88 13.91 -6.87
C ASP A 169 7.11 13.83 -5.37
N THR A 170 6.28 14.59 -4.69
CA THR A 170 6.37 14.80 -3.26
C THR A 170 4.95 14.95 -2.75
N PRO A 171 4.63 14.31 -1.65
CA PRO A 171 3.29 14.42 -1.13
C PRO A 171 3.03 15.81 -0.46
N SER A 172 4.03 16.68 -0.41
CA SER A 172 3.84 18.01 0.11
C SER A 172 3.05 18.90 -0.87
N VAL A 173 2.84 18.48 -2.09
CA VAL A 173 2.16 19.24 -3.11
C VAL A 173 0.91 18.46 -3.49
N LYS A 174 -0.23 19.16 -3.60
CA LYS A 174 -1.50 18.49 -3.97
C LYS A 174 -2.13 19.23 -5.11
N LEU A 175 -2.67 18.46 -6.02
CA LEU A 175 -3.15 18.97 -7.28
C LEU A 175 -4.41 18.25 -7.66
N THR A 176 -5.19 18.89 -8.51
CA THR A 176 -6.33 18.24 -9.16
C THR A 176 -5.76 17.75 -10.52
N TYR A 177 -6.51 16.88 -11.18
CA TYR A 177 -6.16 16.43 -12.49
C TYR A 177 -7.33 16.04 -13.34
N THR A 178 -7.06 16.00 -14.65
CA THR A 178 -8.00 15.51 -15.62
C THR A 178 -7.13 14.71 -16.57
N ALA A 179 -7.70 13.75 -17.27
CA ALA A 179 -6.90 12.91 -18.20
C ALA A 179 -7.79 12.30 -19.29
N GLU A 180 -7.15 12.02 -20.42
CA GLU A 180 -7.72 11.38 -21.57
C GLU A 180 -6.72 10.32 -21.95
N VAL A 181 -7.16 9.09 -21.98
CA VAL A 181 -6.26 8.00 -22.16
C VAL A 181 -6.73 7.16 -23.34
N SER A 182 -5.86 7.01 -24.35
CA SER A 182 -6.23 6.23 -25.53
C SER A 182 -5.74 4.79 -25.44
N VAL A 183 -6.64 3.84 -25.60
CA VAL A 183 -6.30 2.46 -25.49
C VAL A 183 -6.99 1.66 -26.61
N PRO A 184 -6.46 0.47 -26.93
CA PRO A 184 -7.20 -0.39 -27.85
C PRO A 184 -8.65 -0.49 -27.45
N LYS A 185 -9.51 -0.42 -28.45
CA LYS A 185 -10.90 -0.27 -28.17
C LYS A 185 -11.57 -1.45 -27.46
N GLU A 186 -10.96 -2.62 -27.47
CA GLU A 186 -11.57 -3.71 -26.73
C GLU A 186 -11.34 -3.64 -25.23
N LEU A 187 -10.41 -2.80 -24.79
CA LEU A 187 -10.04 -2.70 -23.37
C LEU A 187 -10.66 -1.50 -22.72
N VAL A 188 -10.52 -1.48 -21.39
CA VAL A 188 -11.10 -0.45 -20.56
C VAL A 188 -9.96 0.17 -19.73
N ALA A 189 -9.97 1.48 -19.65
CA ALA A 189 -9.08 2.25 -18.81
C ALA A 189 -9.88 2.76 -17.62
N LEU A 190 -9.25 2.70 -16.45
CA LEU A 190 -9.72 3.34 -15.21
C LEU A 190 -8.58 4.03 -14.51
N MET A 191 -8.94 5.04 -13.73
CA MET A 191 -8.00 5.86 -13.00
C MET A 191 -8.59 6.25 -11.62
N SER A 192 -7.72 6.87 -10.79
CA SER A 192 -8.06 7.40 -9.43
C SER A 192 -8.85 8.69 -9.52
N ALA A 193 -10.03 8.59 -10.13
CA ALA A 193 -10.75 9.78 -10.59
C ALA A 193 -12.13 9.38 -11.01
N ILE A 194 -13.01 10.35 -11.27
CA ILE A 194 -14.38 10.07 -11.68
C ILE A 194 -14.33 9.86 -13.20
N ARG A 195 -15.05 8.85 -13.71
CA ARG A 195 -15.07 8.58 -15.15
C ARG A 195 -15.89 9.64 -15.81
N ASP A 196 -15.31 10.26 -16.82
CA ASP A 196 -15.89 11.44 -17.41
C ASP A 196 -16.23 11.18 -18.87
N GLY A 197 -16.47 9.94 -19.26
CA GLY A 197 -16.89 9.60 -20.61
C GLY A 197 -15.88 8.85 -21.44
N GLU A 198 -16.30 8.45 -22.64
CA GLU A 198 -15.46 7.65 -23.52
C GLU A 198 -15.82 7.93 -24.99
N THR A 199 -14.83 8.01 -25.89
CA THR A 199 -15.16 8.06 -27.33
C THR A 199 -14.13 7.37 -28.17
N PRO A 200 -14.48 7.10 -29.44
CA PRO A 200 -13.46 6.61 -30.34
C PRO A 200 -12.33 7.60 -30.53
N ASP A 201 -11.14 7.11 -30.75
CA ASP A 201 -10.02 7.96 -30.91
C ASP A 201 -10.04 8.50 -32.35
N PRO A 202 -10.06 9.84 -32.52
CA PRO A 202 -10.09 10.45 -33.87
C PRO A 202 -8.85 10.16 -34.72
N GLU A 203 -7.71 9.96 -34.09
CA GLU A 203 -6.48 9.72 -34.80
C GLU A 203 -6.23 8.24 -35.04
N ASP A 204 -7.12 7.38 -34.52
CA ASP A 204 -6.93 5.90 -34.64
C ASP A 204 -8.15 5.12 -34.20
N PRO A 205 -9.05 4.80 -35.14
CA PRO A 205 -10.31 4.09 -34.91
C PRO A 205 -10.26 2.67 -34.31
N SER A 206 -9.09 2.04 -34.27
CA SER A 206 -8.93 0.83 -33.47
C SER A 206 -8.87 1.13 -31.92
N ARG A 207 -9.08 2.40 -31.53
CA ARG A 207 -8.81 2.83 -30.15
C ARG A 207 -9.92 3.61 -29.58
N LYS A 208 -9.97 3.57 -28.26
CA LYS A 208 -10.94 4.37 -27.52
C LYS A 208 -10.18 5.31 -26.59
N ILE A 209 -10.79 6.45 -26.33
CA ILE A 209 -10.33 7.43 -25.42
C ILE A 209 -11.26 7.48 -24.22
N TYR A 210 -10.71 7.21 -23.05
CA TYR A 210 -11.47 7.32 -21.79
C TYR A 210 -11.02 8.58 -21.08
N LYS A 211 -11.95 9.28 -20.51
CA LYS A 211 -11.66 10.53 -19.85
C LYS A 211 -12.01 10.45 -18.37
N PHE A 212 -11.36 11.32 -17.60
CA PHE A 212 -11.33 11.26 -16.14
C PHE A 212 -11.19 12.61 -15.52
N ILE A 213 -11.72 12.77 -14.31
CA ILE A 213 -11.62 14.01 -13.58
C ILE A 213 -11.52 13.77 -12.09
N GLN A 214 -10.48 14.36 -11.47
CA GLN A 214 -10.31 14.29 -10.02
C GLN A 214 -10.35 15.73 -9.55
N LYS A 215 -11.47 16.13 -8.97
CA LYS A 215 -11.71 17.54 -8.54
C LYS A 215 -11.20 17.78 -7.17
N VAL A 216 -10.82 16.73 -6.46
CA VAL A 216 -10.26 16.91 -5.11
C VAL A 216 -8.73 16.91 -5.20
N PRO A 217 -8.08 17.99 -4.62
CA PRO A 217 -6.63 18.02 -4.64
C PRO A 217 -5.98 16.80 -3.92
N ILE A 218 -5.06 16.17 -4.63
CA ILE A 218 -4.35 14.98 -4.18
C ILE A 218 -2.85 15.12 -4.38
N PRO A 219 -2.06 14.41 -3.56
CA PRO A 219 -0.66 14.22 -3.89
C PRO A 219 -0.50 13.32 -5.11
N CYS A 220 0.62 13.47 -5.85
CA CYS A 220 0.76 12.74 -7.07
C CYS A 220 0.96 11.17 -6.88
N TYR A 221 1.32 10.72 -5.69
CA TYR A 221 1.36 9.32 -5.42
C TYR A 221 0.05 8.62 -5.53
N LEU A 222 -1.06 9.37 -5.51
CA LEU A 222 -2.40 8.79 -5.66
C LEU A 222 -2.98 8.76 -7.10
N ILE A 223 -2.17 9.17 -8.06
CA ILE A 223 -2.46 8.99 -9.48
C ILE A 223 -2.29 7.52 -9.83
N ALA A 224 -3.30 6.96 -10.44
CA ALA A 224 -3.38 5.55 -10.75
C ALA A 224 -4.09 5.31 -12.09
N LEU A 225 -3.65 4.24 -12.76
CA LEU A 225 -4.15 3.80 -14.07
C LEU A 225 -4.11 2.29 -14.18
N VAL A 226 -5.21 1.70 -14.65
CA VAL A 226 -5.21 0.32 -15.08
C VAL A 226 -5.83 0.29 -16.49
N VAL A 227 -5.30 -0.58 -17.34
CA VAL A 227 -5.92 -0.85 -18.62
C VAL A 227 -5.99 -2.37 -18.85
N GLY A 228 -7.19 -2.84 -19.14
CA GLY A 228 -7.45 -4.23 -19.31
C GLY A 228 -8.88 -4.53 -19.71
N ALA A 229 -9.11 -5.82 -19.89
CA ALA A 229 -10.43 -6.35 -20.22
C ALA A 229 -11.26 -6.48 -18.94
N LEU A 230 -11.76 -5.34 -18.50
CA LEU A 230 -12.41 -5.24 -17.17
C LEU A 230 -13.92 -5.27 -17.31
N GLU A 231 -14.61 -5.90 -16.39
CA GLU A 231 -16.07 -5.78 -16.25
C GLU A 231 -16.34 -5.28 -14.85
N SER A 232 -17.53 -4.80 -14.62
CA SER A 232 -17.93 -4.20 -13.33
C SER A 232 -19.20 -4.78 -12.88
N ARG A 233 -19.34 -4.87 -11.57
CA ARG A 233 -20.62 -5.20 -11.00
C ARG A 233 -20.93 -4.27 -9.80
N GLN A 234 -22.17 -3.80 -9.74
CA GLN A 234 -22.54 -2.94 -8.60
C GLN A 234 -22.76 -3.71 -7.33
N ILE A 235 -22.18 -3.25 -6.22
CA ILE A 235 -22.37 -3.91 -4.92
C ILE A 235 -22.79 -2.96 -3.83
N GLY A 236 -22.97 -1.69 -4.13
CA GLY A 236 -23.52 -0.75 -3.14
C GLY A 236 -23.97 0.52 -3.85
N PRO A 237 -24.54 1.48 -3.11
CA PRO A 237 -25.01 2.67 -3.81
C PRO A 237 -23.89 3.52 -4.35
N ARG A 238 -22.65 3.34 -3.88
CA ARG A 238 -21.62 4.14 -4.47
C ARG A 238 -20.39 3.36 -4.81
N THR A 239 -20.59 2.08 -5.14
CA THR A 239 -19.49 1.15 -5.31
C THR A 239 -19.76 0.12 -6.39
N LEU A 240 -18.90 0.13 -7.39
CA LEU A 240 -18.74 -0.97 -8.33
C LEU A 240 -17.50 -1.73 -7.99
N VAL A 241 -17.51 -3.06 -8.22
CA VAL A 241 -16.30 -3.85 -8.20
C VAL A 241 -15.91 -4.12 -9.67
N TRP A 242 -14.63 -3.95 -10.00
CA TRP A 242 -14.08 -4.18 -11.34
C TRP A 242 -13.06 -5.27 -11.26
N SER A 243 -13.07 -6.16 -12.25
CA SER A 243 -12.03 -7.16 -12.47
C SER A 243 -12.18 -7.77 -13.86
N GLU A 244 -11.36 -8.77 -14.15
CA GLU A 244 -11.61 -9.56 -15.35
C GLU A 244 -12.86 -10.34 -15.01
N LYS A 245 -13.56 -10.77 -16.08
CA LYS A 245 -14.84 -11.43 -15.95
C LYS A 245 -14.82 -12.61 -15.04
N GLU A 246 -13.75 -13.39 -15.10
CA GLU A 246 -13.58 -14.60 -14.29
C GLU A 246 -13.68 -14.35 -12.77
N GLN A 247 -13.39 -13.13 -12.31
CA GLN A 247 -13.30 -12.85 -10.87
C GLN A 247 -14.44 -11.97 -10.39
N VAL A 248 -15.32 -11.57 -11.31
CA VAL A 248 -16.36 -10.64 -10.92
C VAL A 248 -17.31 -11.14 -9.81
N GLU A 249 -17.87 -12.32 -9.99
CA GLU A 249 -18.87 -12.83 -9.07
C GLU A 249 -18.29 -13.06 -7.68
N LYS A 250 -17.12 -13.71 -7.66
CA LYS A 250 -16.41 -13.91 -6.42
C LYS A 250 -16.06 -12.61 -5.67
N SER A 251 -15.63 -11.59 -6.42
CA SER A 251 -15.24 -10.31 -5.82
C SER A 251 -16.46 -9.59 -5.22
N ALA A 252 -17.56 -9.65 -5.94
CA ALA A 252 -18.76 -8.95 -5.46
C ALA A 252 -19.23 -9.46 -4.10
N TYR A 253 -19.18 -10.76 -3.94
CA TYR A 253 -19.45 -11.38 -2.65
C TYR A 253 -18.37 -11.09 -1.64
N GLU A 254 -17.11 -11.26 -2.01
CA GLU A 254 -16.03 -11.09 -0.99
C GLU A 254 -16.12 -9.69 -0.34
N PHE A 255 -16.49 -8.69 -1.11
CA PHE A 255 -16.43 -7.29 -0.66
C PHE A 255 -17.79 -6.69 -0.41
N SER A 256 -18.82 -7.52 -0.20
CA SER A 256 -20.17 -7.02 0.02
C SER A 256 -20.34 -6.22 1.33
N GLU A 257 -19.42 -6.27 2.29
CA GLU A 257 -19.55 -5.40 3.51
C GLU A 257 -19.04 -3.91 3.28
N THR A 258 -18.66 -3.62 2.04
CA THR A 258 -18.02 -2.34 1.70
C THR A 258 -18.86 -1.09 2.03
N GLU A 259 -20.15 -1.07 1.64
CA GLU A 259 -21.01 0.05 1.98
C GLU A 259 -21.22 0.20 3.49
N SER A 260 -21.37 -0.89 4.21
CA SER A 260 -21.52 -0.78 5.62
C SER A 260 -20.24 -0.26 6.28
N MET A 261 -19.07 -0.65 5.77
CA MET A 261 -17.81 -0.04 6.26
C MET A 261 -17.70 1.46 5.92
N LEU A 262 -18.09 1.90 4.72
CA LEU A 262 -18.10 3.33 4.39
C LEU A 262 -18.97 4.14 5.32
N LYS A 263 -20.16 3.61 5.66
CA LYS A 263 -21.09 4.34 6.55
C LYS A 263 -20.47 4.48 7.91
N ILE A 264 -19.87 3.41 8.46
CA ILE A 264 -19.12 3.56 9.74
C ILE A 264 -17.97 4.55 9.66
N ALA A 265 -17.21 4.46 8.60
CA ALA A 265 -16.06 5.31 8.45
C ALA A 265 -16.51 6.80 8.39
N GLU A 266 -17.64 7.05 7.74
CA GLU A 266 -18.15 8.44 7.63
C GLU A 266 -18.59 8.93 8.96
N ASP A 267 -19.10 8.02 9.73
CA ASP A 267 -19.47 8.36 11.09
C ASP A 267 -18.22 8.76 11.91
N LEU A 268 -17.14 8.03 11.73
CA LEU A 268 -15.92 8.31 12.51
C LEU A 268 -15.12 9.49 11.96
N GLY A 269 -15.09 9.68 10.66
CA GLY A 269 -14.16 10.61 10.06
C GLY A 269 -14.74 11.91 9.50
N GLY A 270 -16.07 11.92 9.35
CA GLY A 270 -16.76 12.98 8.66
C GLY A 270 -17.14 12.53 7.25
N PRO A 271 -17.77 13.41 6.51
CA PRO A 271 -18.21 13.14 5.16
C PRO A 271 -17.13 12.54 4.23
N TYR A 272 -17.55 11.53 3.51
CA TYR A 272 -16.81 10.99 2.39
C TYR A 272 -16.85 12.00 1.23
N VAL A 273 -15.72 12.58 0.84
CA VAL A 273 -15.71 13.73 -0.11
C VAL A 273 -15.45 13.29 -1.57
N TRP A 274 -15.24 11.99 -1.79
CA TRP A 274 -14.68 11.55 -3.08
C TRP A 274 -15.66 11.09 -4.12
N GLY A 275 -16.95 11.11 -3.84
CA GLY A 275 -17.93 10.78 -4.89
C GLY A 275 -18.11 9.25 -4.87
N GLN A 276 -17.35 8.54 -5.67
CA GLN A 276 -17.48 7.12 -5.82
C GLN A 276 -16.53 6.43 -4.81
N TYR A 277 -16.83 5.23 -4.34
CA TYR A 277 -15.84 4.34 -3.77
C TYR A 277 -15.86 2.97 -4.52
N ASP A 278 -15.05 2.85 -5.54
CA ASP A 278 -15.02 1.64 -6.37
C ASP A 278 -13.85 0.80 -5.90
N LEU A 279 -13.95 -0.49 -6.21
CA LEU A 279 -12.85 -1.43 -5.99
C LEU A 279 -12.41 -2.08 -7.29
N LEU A 280 -11.12 -2.29 -7.44
CA LEU A 280 -10.54 -2.97 -8.57
C LEU A 280 -9.74 -4.15 -8.02
N VAL A 281 -10.04 -5.37 -8.48
CA VAL A 281 -9.23 -6.56 -8.08
C VAL A 281 -8.25 -6.83 -9.16
N LEU A 282 -6.98 -6.69 -8.81
CA LEU A 282 -5.89 -6.81 -9.75
C LEU A 282 -5.49 -8.25 -10.00
N PRO A 283 -4.61 -8.47 -10.98
CA PRO A 283 -3.99 -9.75 -11.21
C PRO A 283 -3.06 -10.01 -10.04
N PRO A 284 -2.64 -11.26 -9.89
CA PRO A 284 -2.03 -11.70 -8.63
C PRO A 284 -0.70 -11.06 -8.33
N SER A 285 -0.06 -10.47 -9.33
CA SER A 285 1.22 -9.83 -9.11
C SER A 285 1.11 -8.45 -8.44
N PHE A 286 -0.10 -7.99 -8.13
CA PHE A 286 -0.21 -6.75 -7.39
C PHE A 286 0.62 -6.79 -6.10
N PRO A 287 1.52 -5.80 -5.90
CA PRO A 287 2.52 -6.01 -4.84
C PRO A 287 2.02 -5.79 -3.39
N TYR A 288 0.86 -5.21 -3.19
CA TYR A 288 0.39 -4.89 -1.82
C TYR A 288 -1.03 -5.45 -1.58
N GLY A 289 -1.49 -5.46 -0.34
CA GLY A 289 -2.80 -5.86 -0.07
C GLY A 289 -3.86 -4.96 -0.75
N GLY A 290 -3.63 -3.68 -0.68
CA GLY A 290 -4.55 -2.71 -1.24
C GLY A 290 -3.79 -1.38 -1.41
N MET A 291 -4.32 -0.48 -2.23
CA MET A 291 -3.73 0.81 -2.43
C MET A 291 -4.92 1.75 -2.58
N GLU A 292 -4.96 2.71 -1.68
CA GLU A 292 -6.07 3.65 -1.50
C GLU A 292 -6.23 4.74 -2.55
N ASN A 293 -6.21 4.32 -3.82
CA ASN A 293 -6.28 5.29 -4.93
C ASN A 293 -7.67 5.91 -4.90
N PRO A 294 -7.74 7.23 -4.90
CA PRO A 294 -9.04 7.88 -4.65
C PRO A 294 -10.00 7.55 -5.76
N CYS A 295 -11.25 7.24 -5.34
CA CYS A 295 -12.36 6.73 -6.11
C CYS A 295 -12.22 5.30 -6.60
N LEU A 296 -11.04 4.68 -6.47
CA LEU A 296 -10.76 3.36 -7.05
C LEU A 296 -9.67 2.65 -6.28
N THR A 297 -10.05 2.11 -5.12
CA THR A 297 -9.17 1.22 -4.38
C THR A 297 -8.71 0.01 -5.23
N PHE A 298 -7.40 -0.27 -5.22
CA PHE A 298 -6.85 -1.41 -5.86
C PHE A 298 -6.64 -2.45 -4.77
N VAL A 299 -6.99 -3.70 -5.03
CA VAL A 299 -6.80 -4.80 -4.11
C VAL A 299 -6.23 -6.06 -4.77
N THR A 300 -5.47 -6.78 -3.97
CA THR A 300 -4.93 -8.08 -4.34
C THR A 300 -6.01 -9.10 -4.44
N PRO A 301 -5.90 -10.00 -5.46
CA PRO A 301 -6.89 -11.11 -5.46
C PRO A 301 -6.63 -12.15 -4.35
N THR A 302 -5.56 -12.03 -3.59
CA THR A 302 -5.35 -12.96 -2.47
C THR A 302 -6.32 -12.69 -1.29
N LEU A 303 -7.14 -11.64 -1.41
CA LEU A 303 -8.22 -11.39 -0.47
C LEU A 303 -9.41 -12.31 -0.72
N LEU A 304 -9.47 -13.01 -1.86
CA LEU A 304 -10.65 -13.76 -2.27
C LEU A 304 -10.71 -15.11 -1.58
N ALA A 305 -10.87 -15.09 -0.28
CA ALA A 305 -10.92 -16.30 0.55
C ALA A 305 -12.23 -17.06 0.44
N GLY A 306 -13.31 -16.42 0.03
CA GLY A 306 -14.59 -17.11 -0.11
C GLY A 306 -15.49 -16.84 1.05
N ASP A 307 -14.99 -16.22 2.12
CA ASP A 307 -15.81 -15.99 3.30
C ASP A 307 -15.77 -14.58 3.91
N LYS A 308 -15.23 -13.63 3.15
CA LYS A 308 -15.11 -12.25 3.60
C LYS A 308 -14.14 -12.10 4.79
N SER A 309 -13.35 -13.16 5.09
CA SER A 309 -12.50 -13.12 6.27
C SER A 309 -11.37 -12.11 6.21
N LEU A 310 -10.92 -11.72 5.03
CA LEU A 310 -9.80 -10.73 4.91
C LEU A 310 -10.33 -9.33 4.58
N SER A 311 -11.59 -9.05 4.90
CA SER A 311 -12.14 -7.74 4.54
C SER A 311 -11.54 -6.57 5.38
N ASN A 312 -10.73 -6.86 6.37
CA ASN A 312 -10.17 -5.74 7.14
C ASN A 312 -9.27 -4.90 6.18
N VAL A 313 -8.80 -5.49 5.08
CA VAL A 313 -7.95 -4.76 4.12
C VAL A 313 -8.80 -3.67 3.46
N ILE A 314 -10.05 -3.98 3.16
CA ILE A 314 -10.99 -3.00 2.62
C ILE A 314 -11.25 -1.88 3.62
N ALA A 315 -11.40 -2.24 4.89
CA ALA A 315 -11.68 -1.25 5.94
C ALA A 315 -10.51 -0.28 6.05
N HIS A 316 -9.32 -0.84 5.90
CA HIS A 316 -8.12 -0.07 5.90
C HIS A 316 -8.08 0.95 4.70
N GLU A 317 -8.21 0.43 3.48
CA GLU A 317 -8.23 1.31 2.31
C GLU A 317 -9.32 2.36 2.39
N ILE A 318 -10.51 1.99 2.86
CA ILE A 318 -11.62 2.93 3.01
C ILE A 318 -11.18 4.02 3.97
N SER A 319 -10.50 3.62 5.04
CA SER A 319 -10.07 4.60 6.12
C SER A 319 -9.11 5.68 5.59
N HIS A 320 -8.27 5.29 4.61
CA HIS A 320 -7.36 6.21 3.91
C HIS A 320 -8.06 7.33 3.21
N SER A 321 -9.34 7.18 2.92
CA SER A 321 -10.12 8.28 2.34
C SER A 321 -10.18 9.52 3.26
N TRP A 322 -9.83 9.31 4.53
CA TRP A 322 -9.62 10.41 5.42
C TRP A 322 -8.15 10.54 5.81
N THR A 323 -7.61 9.51 6.43
CA THR A 323 -6.22 9.58 6.92
C THR A 323 -5.26 9.09 5.87
N GLY A 324 -4.62 10.04 5.20
CA GLY A 324 -3.78 9.77 4.03
C GLY A 324 -4.13 10.61 2.82
N ASN A 325 -5.36 10.42 2.39
CA ASN A 325 -5.83 11.07 1.18
C ASN A 325 -6.36 12.47 1.39
N LEU A 326 -6.94 12.71 2.53
CA LEU A 326 -7.38 14.10 2.88
C LEU A 326 -6.30 14.77 3.69
N VAL A 327 -5.94 14.13 4.81
CA VAL A 327 -4.77 14.54 5.63
C VAL A 327 -3.59 13.68 5.22
N THR A 328 -2.54 14.31 4.73
CA THR A 328 -1.44 13.58 4.09
C THR A 328 -0.10 13.90 4.71
N ASN A 329 0.76 12.89 4.86
CA ASN A 329 2.18 13.05 5.21
C ASN A 329 2.92 14.00 4.27
N LYS A 330 3.55 15.01 4.87
CA LYS A 330 4.27 16.00 4.10
C LYS A 330 5.49 15.44 3.43
N THR A 331 6.22 14.56 4.12
CA THR A 331 7.27 13.75 3.46
C THR A 331 7.13 12.32 3.96
N TRP A 332 7.82 11.41 3.31
CA TRP A 332 7.76 9.99 3.63
C TRP A 332 8.43 9.63 4.96
N ASP A 333 9.24 10.53 5.52
CA ASP A 333 9.67 10.43 6.92
C ASP A 333 8.48 10.28 7.90
N HIS A 334 7.34 10.85 7.54
CA HIS A 334 6.15 10.91 8.43
C HIS A 334 5.05 9.97 7.96
N PHE A 335 5.44 8.92 7.20
CA PHE A 335 4.56 7.85 6.73
C PHE A 335 3.63 7.26 7.81
N TRP A 336 4.16 7.08 9.01
CA TRP A 336 3.33 6.65 10.13
C TRP A 336 2.09 7.47 10.33
N LEU A 337 2.12 8.76 10.01
CA LEU A 337 0.84 9.52 10.09
C LEU A 337 -0.27 8.88 9.28
N ASN A 338 0.07 8.61 8.03
CA ASN A 338 -0.76 7.95 7.11
C ASN A 338 -1.15 6.57 7.57
N GLU A 339 -0.17 5.71 7.95
CA GLU A 339 -0.56 4.33 8.23
C GLU A 339 -1.12 4.07 9.63
N GLY A 340 -0.57 4.70 10.62
CA GLY A 340 -0.99 4.37 11.96
C GLY A 340 -2.41 4.81 12.23
N HIS A 341 -2.75 6.00 11.81
CA HIS A 341 -4.14 6.46 11.92
C HIS A 341 -5.12 5.63 11.16
N THR A 342 -4.68 5.15 9.98
CA THR A 342 -5.48 4.34 9.14
C THR A 342 -5.72 3.00 9.79
N VAL A 343 -4.68 2.40 10.40
CA VAL A 343 -4.86 1.18 11.12
C VAL A 343 -5.81 1.41 12.35
N TYR A 344 -5.63 2.55 13.00
CA TYR A 344 -6.50 2.88 14.18
C TYR A 344 -7.97 2.94 13.70
N LEU A 345 -8.22 3.60 12.57
CA LEU A 345 -9.61 3.69 12.09
C LEU A 345 -10.17 2.37 11.60
N GLU A 346 -9.34 1.64 10.87
CA GLU A 346 -9.62 0.29 10.41
C GLU A 346 -10.14 -0.60 11.55
N ARG A 347 -9.36 -0.63 12.62
CA ARG A 347 -9.71 -1.47 13.74
C ARG A 347 -10.98 -1.08 14.44
N HIS A 348 -11.25 0.22 14.45
CA HIS A 348 -12.55 0.71 14.85
C HIS A 348 -13.71 0.28 13.98
N ILE A 349 -13.52 0.29 12.67
CA ILE A 349 -14.54 -0.17 11.73
C ILE A 349 -14.85 -1.64 12.00
N CYS A 350 -13.81 -2.44 12.17
CA CYS A 350 -13.98 -3.83 12.48
C CYS A 350 -14.57 -4.04 13.88
N GLY A 351 -14.20 -3.23 14.81
CA GLY A 351 -14.82 -3.28 16.16
C GLY A 351 -16.29 -2.93 16.15
N ARG A 352 -16.68 -1.93 15.40
CA ARG A 352 -18.13 -1.66 15.26
C ARG A 352 -18.89 -2.80 14.59
N LEU A 353 -18.35 -3.35 13.51
CA LEU A 353 -19.03 -4.50 12.91
C LEU A 353 -18.99 -5.77 13.71
N PHE A 354 -17.85 -6.07 14.32
CA PHE A 354 -17.67 -7.41 14.87
C PHE A 354 -17.54 -7.43 16.37
N GLY A 355 -17.50 -6.30 17.05
CA GLY A 355 -17.39 -6.30 18.49
C GLY A 355 -16.07 -5.75 18.98
N GLU A 356 -16.09 -5.18 20.16
CA GLU A 356 -14.94 -4.55 20.72
C GLU A 356 -13.89 -5.65 21.08
N LYS A 357 -14.35 -6.83 21.45
CA LYS A 357 -13.40 -7.92 21.74
C LYS A 357 -12.53 -8.27 20.50
N PHE A 358 -13.14 -8.13 19.34
CA PHE A 358 -12.46 -8.43 18.07
C PHE A 358 -11.45 -7.30 17.78
N ARG A 359 -11.81 -6.03 18.08
CA ARG A 359 -10.85 -4.93 17.95
C ARG A 359 -9.61 -5.18 18.84
N HIS A 360 -9.81 -5.57 20.10
CA HIS A 360 -8.70 -5.92 20.95
C HIS A 360 -7.85 -7.08 20.42
N PHE A 361 -8.50 -8.13 19.91
CA PHE A 361 -7.82 -9.28 19.25
C PHE A 361 -6.93 -8.82 18.11
N ASN A 362 -7.46 -7.98 17.24
CA ASN A 362 -6.73 -7.48 16.11
C ASN A 362 -5.62 -6.60 16.51
N ALA A 363 -5.84 -5.79 17.54
CA ALA A 363 -4.79 -4.95 18.05
C ALA A 363 -3.64 -5.73 18.63
N LEU A 364 -3.98 -6.75 19.40
CA LEU A 364 -2.97 -7.57 20.04
C LEU A 364 -2.15 -8.32 18.99
N GLY A 365 -2.83 -8.79 17.96
CA GLY A 365 -2.17 -9.34 16.71
C GLY A 365 -1.12 -8.42 16.09
N GLY A 366 -1.46 -7.13 16.01
CA GLY A 366 -0.63 -6.10 15.46
C GLY A 366 0.62 -5.92 16.27
N TRP A 367 0.47 -5.94 17.58
CA TRP A 367 1.63 -5.92 18.45
C TRP A 367 2.61 -7.07 18.12
N GLY A 368 2.07 -8.27 17.92
CA GLY A 368 2.88 -9.46 17.57
C GLY A 368 3.61 -9.24 16.26
N GLU A 369 2.97 -8.52 15.33
CA GLU A 369 3.57 -8.25 14.03
C GLU A 369 4.68 -7.22 14.20
N LEU A 370 4.47 -6.27 15.10
CA LEU A 370 5.52 -5.29 15.44
C LEU A 370 6.78 -6.00 16.09
N GLN A 371 6.51 -6.97 16.93
CA GLN A 371 7.60 -7.73 17.57
C GLN A 371 8.40 -8.48 16.51
N ASN A 372 7.71 -9.14 15.58
CA ASN A 372 8.35 -9.77 14.42
C ASN A 372 9.24 -8.81 13.63
N SER A 373 8.74 -7.63 13.24
CA SER A 373 9.53 -6.73 12.45
C SER A 373 10.73 -6.25 13.18
N VAL A 374 10.56 -5.93 14.47
CA VAL A 374 11.63 -5.41 15.30
C VAL A 374 12.66 -6.51 15.39
N LYS A 375 12.23 -7.74 15.61
CA LYS A 375 13.23 -8.83 15.64
C LYS A 375 13.92 -9.00 14.34
N THR A 376 13.20 -8.86 13.23
CA THR A 376 13.78 -9.06 11.92
C THR A 376 14.84 -7.98 11.64
N PHE A 377 14.53 -6.71 11.85
CA PHE A 377 15.49 -5.67 11.54
C PHE A 377 16.58 -5.57 12.60
N GLY A 378 16.24 -5.90 13.84
CA GLY A 378 17.11 -5.66 14.97
C GLY A 378 16.59 -4.48 15.73
N GLU A 379 16.72 -4.57 17.03
CA GLU A 379 16.07 -3.66 17.95
C GLU A 379 16.70 -2.25 18.00
N THR A 380 17.88 -2.11 17.39
CA THR A 380 18.50 -0.80 17.25
C THR A 380 18.47 -0.26 15.85
N HIS A 381 17.80 -0.94 14.93
CA HIS A 381 17.83 -0.59 13.55
C HIS A 381 17.01 0.69 13.28
N PRO A 382 17.57 1.63 12.49
CA PRO A 382 16.90 2.91 12.22
C PRO A 382 15.49 2.82 11.64
N PHE A 383 15.19 1.77 10.89
CA PHE A 383 13.86 1.58 10.27
C PHE A 383 12.82 1.07 11.28
N THR A 384 13.20 0.87 12.53
CA THR A 384 12.25 0.53 13.58
C THR A 384 11.83 1.73 14.38
N LYS A 385 12.33 2.91 13.97
CA LYS A 385 11.85 4.19 14.50
C LYS A 385 10.53 4.52 13.86
N LEU A 386 9.70 5.24 14.59
CA LEU A 386 8.45 5.68 14.04
C LEU A 386 8.56 6.73 12.99
N VAL A 387 9.28 7.81 13.30
CA VAL A 387 9.70 8.81 12.31
C VAL A 387 11.09 8.38 11.82
N VAL A 388 11.17 8.06 10.54
CA VAL A 388 12.42 7.56 9.94
C VAL A 388 13.08 8.64 9.09
N ASP A 389 14.41 8.68 9.05
CA ASP A 389 15.11 9.68 8.25
C ASP A 389 15.42 9.03 6.90
N LEU A 390 14.74 9.42 5.82
CA LEU A 390 14.93 8.71 4.53
C LEU A 390 16.02 9.23 3.62
N THR A 391 16.90 10.11 4.12
CA THR A 391 18.02 10.62 3.33
C THR A 391 18.84 9.43 2.82
N ASP A 392 18.97 9.43 1.51
CA ASP A 392 19.63 8.35 0.79
C ASP A 392 19.07 6.96 1.03
N ILE A 393 17.83 6.82 1.45
CA ILE A 393 17.29 5.48 1.65
C ILE A 393 16.16 5.39 0.65
N ASP A 394 16.08 4.31 -0.12
CA ASP A 394 14.95 4.03 -0.98
C ASP A 394 13.71 3.65 -0.08
N PRO A 395 12.62 4.43 -0.18
CA PRO A 395 11.44 4.12 0.60
C PRO A 395 10.92 2.69 0.48
N ASP A 396 11.09 2.07 -0.70
CA ASP A 396 10.68 0.68 -0.91
C ASP A 396 11.46 -0.25 -0.09
N VAL A 397 12.70 0.11 0.25
CA VAL A 397 13.58 -0.77 1.00
C VAL A 397 13.26 -0.64 2.51
N ALA A 398 12.86 0.55 2.93
CA ALA A 398 12.60 0.83 4.34
C ALA A 398 11.24 0.35 4.71
N TYR A 399 10.32 0.29 3.75
CA TYR A 399 8.97 -0.13 3.95
C TYR A 399 8.89 -1.39 4.82
N SER A 400 8.09 -1.30 5.88
CA SER A 400 7.73 -2.45 6.78
C SER A 400 6.41 -2.14 7.56
N SER A 401 6.10 -3.06 8.49
CA SER A 401 4.99 -3.02 9.45
C SER A 401 5.11 -1.96 10.51
N VAL A 402 6.31 -1.47 10.68
CA VAL A 402 6.61 -0.54 11.79
C VAL A 402 5.72 0.67 11.80
N PRO A 403 5.70 1.44 10.73
CA PRO A 403 4.82 2.61 10.74
C PRO A 403 3.34 2.29 10.99
N TYR A 404 2.86 1.13 10.54
CA TYR A 404 1.51 0.63 10.81
C TYR A 404 1.31 0.27 12.27
N GLU A 405 2.23 -0.50 12.87
CA GLU A 405 1.92 -1.08 14.14
C GLU A 405 2.50 -0.27 15.32
N LYS A 406 3.66 0.35 15.12
CA LYS A 406 4.16 1.23 16.12
C LYS A 406 3.29 2.45 16.14
N GLY A 407 2.79 2.86 15.00
CA GLY A 407 1.89 4.01 14.96
C GLY A 407 0.54 3.74 15.62
N PHE A 408 0.03 2.57 15.31
CA PHE A 408 -1.22 2.12 15.91
C PHE A 408 -1.01 1.99 17.40
N ALA A 409 0.09 1.36 17.80
CA ALA A 409 0.31 1.19 19.25
C ALA A 409 0.39 2.47 20.01
N LEU A 410 0.97 3.48 19.40
CA LEU A 410 1.05 4.80 20.00
C LEU A 410 -0.32 5.45 20.21
N LEU A 411 -1.12 5.32 19.19
CA LEU A 411 -2.50 5.84 19.26
C LEU A 411 -3.42 5.03 20.19
N PHE A 412 -3.23 3.73 20.28
CA PHE A 412 -4.02 2.95 21.20
C PHE A 412 -3.62 3.29 22.65
N TYR A 413 -2.33 3.50 22.86
CA TYR A 413 -1.79 3.94 24.15
C TYR A 413 -2.36 5.28 24.60
N LEU A 414 -2.36 6.22 23.67
CA LEU A 414 -3.00 7.50 23.90
C LEU A 414 -4.50 7.39 24.20
N GLU A 415 -5.20 6.57 23.42
CA GLU A 415 -6.61 6.30 23.67
C GLU A 415 -6.77 5.90 25.13
N GLN A 416 -5.95 4.94 25.56
CA GLN A 416 -6.08 4.44 26.93
C GLN A 416 -5.67 5.52 27.95
N LEU A 417 -4.69 6.33 27.60
CA LEU A 417 -4.24 7.33 28.52
C LEU A 417 -5.25 8.47 28.69
N LEU A 418 -5.94 8.79 27.62
CA LEU A 418 -6.79 9.96 27.60
C LEU A 418 -8.26 9.77 27.85
N GLY A 419 -8.65 8.54 28.16
CA GLY A 419 -10.00 8.30 28.60
C GLY A 419 -10.87 7.36 27.81
N GLY A 420 -10.30 6.65 26.84
CA GLY A 420 -11.12 5.68 26.11
C GLY A 420 -11.38 6.03 24.65
N PRO A 421 -11.94 5.06 23.90
CA PRO A 421 -12.12 5.19 22.46
C PRO A 421 -13.07 6.34 22.09
N GLU A 422 -14.10 6.62 22.91
CA GLU A 422 -15.06 7.64 22.56
C GLU A 422 -14.38 9.01 22.48
N ILE A 423 -13.60 9.31 23.51
CA ILE A 423 -12.84 10.58 23.61
C ILE A 423 -11.77 10.67 22.48
N PHE A 424 -11.01 9.59 22.27
CA PHE A 424 -9.99 9.63 21.26
C PHE A 424 -10.53 9.76 19.83
N LEU A 425 -11.70 9.17 19.53
CA LEU A 425 -12.35 9.29 18.23
C LEU A 425 -12.80 10.75 17.98
N GLY A 426 -13.15 11.47 19.05
CA GLY A 426 -13.48 12.89 18.98
C GLY A 426 -12.24 13.65 18.54
N PHE A 427 -11.06 13.29 19.04
CA PHE A 427 -9.80 13.88 18.57
C PHE A 427 -9.51 13.54 17.11
N LEU A 428 -9.70 12.29 16.74
CA LEU A 428 -9.37 11.88 15.37
C LEU A 428 -10.26 12.60 14.36
N LYS A 429 -11.55 12.72 14.65
CA LYS A 429 -12.45 13.48 13.77
C LYS A 429 -12.06 14.96 13.66
N ALA A 430 -11.78 15.59 14.81
CA ALA A 430 -11.29 16.95 14.77
C ALA A 430 -9.94 17.13 14.02
N TYR A 431 -9.09 16.11 14.09
CA TYR A 431 -7.79 16.10 13.43
C TYR A 431 -7.98 16.11 11.92
N VAL A 432 -8.85 15.23 11.43
CA VAL A 432 -9.17 15.14 10.02
C VAL A 432 -9.75 16.46 9.50
N GLU A 433 -10.74 17.01 10.21
CA GLU A 433 -11.31 18.31 9.81
C GLU A 433 -10.25 19.42 9.74
N LYS A 434 -9.49 19.51 10.82
CA LYS A 434 -8.40 20.46 10.93
C LYS A 434 -7.45 20.47 9.72
N PHE A 435 -6.99 19.28 9.32
CA PHE A 435 -5.93 19.14 8.34
C PHE A 435 -6.37 18.62 6.97
N SER A 436 -7.67 18.65 6.74
CA SER A 436 -8.20 18.28 5.45
C SER A 436 -7.62 19.09 4.31
N TYR A 437 -7.24 18.39 3.24
CA TYR A 437 -6.60 18.97 2.11
C TYR A 437 -5.21 19.49 2.34
N LYS A 438 -4.54 19.12 3.42
CA LYS A 438 -3.17 19.64 3.67
C LYS A 438 -2.24 18.46 3.82
N SER A 439 -0.96 18.79 3.92
CA SER A 439 0.08 17.83 4.14
C SER A 439 0.82 18.28 5.37
N ILE A 440 1.07 17.37 6.29
CA ILE A 440 1.56 17.71 7.59
C ILE A 440 2.66 16.78 8.08
N THR A 441 3.32 17.22 9.16
CA THR A 441 4.42 16.48 9.81
C THR A 441 3.98 16.02 11.19
N THR A 442 4.86 15.23 11.77
CA THR A 442 4.60 14.64 13.08
C THR A 442 4.48 15.77 14.10
N ASP A 443 5.25 16.83 13.96
CA ASP A 443 5.06 18.00 14.88
C ASP A 443 3.77 18.71 14.78
N ASP A 444 3.22 18.82 13.58
CA ASP A 444 1.89 19.38 13.34
C ASP A 444 0.83 18.60 14.10
N TRP A 445 0.87 17.30 13.91
CA TRP A 445 0.00 16.37 14.63
C TRP A 445 0.15 16.56 16.12
N LYS A 446 1.35 16.51 16.61
CA LYS A 446 1.62 16.55 18.04
C LYS A 446 1.09 17.85 18.73
N ASP A 447 1.30 18.93 18.04
CA ASP A 447 0.81 20.23 18.46
C ASP A 447 -0.69 20.32 18.41
N PHE A 448 -1.33 19.78 17.40
CA PHE A 448 -2.79 19.69 17.45
C PHE A 448 -3.27 18.78 18.55
N LEU A 449 -2.60 17.66 18.74
CA LEU A 449 -2.98 16.75 19.84
C LEU A 449 -2.99 17.46 21.23
N TYR A 450 -1.91 18.19 21.49
CA TYR A 450 -1.77 19.04 22.69
C TYR A 450 -2.86 20.13 22.76
N SER A 451 -3.14 20.77 21.63
CA SER A 451 -4.17 21.79 21.63
C SER A 451 -5.56 21.16 21.97
N TYR A 452 -5.96 20.12 21.23
CA TYR A 452 -7.21 19.42 21.50
C TYR A 452 -7.36 18.90 22.92
N PHE A 453 -6.32 18.33 23.50
CA PHE A 453 -6.48 17.80 24.81
C PHE A 453 -5.85 18.77 25.84
N LYS A 454 -6.01 20.08 25.66
CA LYS A 454 -5.33 21.00 26.61
C LYS A 454 -5.70 20.80 28.10
N ASP A 455 -6.91 20.32 28.38
CA ASP A 455 -7.27 19.97 29.76
C ASP A 455 -6.58 18.72 30.32
N LYS A 456 -5.79 18.02 29.50
CA LYS A 456 -5.10 16.79 29.92
C LYS A 456 -3.61 16.82 29.56
N VAL A 457 -3.08 18.01 29.40
CA VAL A 457 -1.68 18.15 29.09
C VAL A 457 -0.79 17.45 30.08
N ASP A 458 -1.17 17.48 31.36
CA ASP A 458 -0.45 16.80 32.41
C ASP A 458 -0.27 15.31 32.11
N VAL A 459 -1.34 14.67 31.63
CA VAL A 459 -1.30 13.27 31.20
C VAL A 459 -0.37 13.14 29.99
N LEU A 460 -0.56 13.98 28.99
CA LEU A 460 0.32 13.99 27.78
C LEU A 460 1.80 14.15 28.09
N ASN A 461 2.10 14.98 29.06
CA ASN A 461 3.51 15.12 29.40
C ASN A 461 4.02 13.93 30.15
N GLN A 462 3.22 12.90 30.39
CA GLN A 462 3.84 11.66 30.90
C GLN A 462 4.36 10.82 29.76
N VAL A 463 3.91 11.08 28.55
CA VAL A 463 4.36 10.27 27.41
C VAL A 463 5.84 10.42 27.13
N ASP A 464 6.54 9.32 26.94
CA ASP A 464 7.94 9.44 26.53
C ASP A 464 8.05 9.66 24.99
N TRP A 465 7.89 10.93 24.58
CA TRP A 465 7.82 11.29 23.19
C TRP A 465 9.05 10.94 22.44
N ASN A 466 10.19 11.21 23.03
CA ASN A 466 11.41 10.94 22.33
C ASN A 466 11.57 9.46 22.01
N ALA A 467 11.16 8.62 22.97
CA ALA A 467 11.25 7.21 22.74
C ALA A 467 10.21 6.78 21.68
N TRP A 468 8.94 7.09 21.91
CA TRP A 468 7.88 6.71 20.94
C TRP A 468 8.14 7.13 19.51
N LEU A 469 8.60 8.37 19.29
CA LEU A 469 8.75 8.93 17.94
C LEU A 469 10.07 8.66 17.29
N TYR A 470 11.17 8.60 18.07
CA TYR A 470 12.54 8.72 17.51
C TYR A 470 13.51 7.61 17.88
N SER A 471 13.14 6.71 18.79
CA SER A 471 13.95 5.60 19.16
C SER A 471 13.60 4.36 18.45
N PRO A 472 14.61 3.50 18.21
CA PRO A 472 14.36 2.21 17.61
C PRO A 472 13.79 1.21 18.61
N GLY A 473 13.28 0.12 18.11
CA GLY A 473 12.85 -1.00 18.98
C GLY A 473 11.40 -0.95 19.36
N LEU A 474 11.03 -1.87 20.24
CA LEU A 474 9.72 -1.97 20.75
C LEU A 474 9.47 -0.66 21.52
N PRO A 475 8.22 -0.16 21.53
CA PRO A 475 7.83 1.04 22.26
C PRO A 475 8.08 0.88 23.73
N PRO A 476 8.26 1.97 24.45
CA PRO A 476 8.58 1.84 25.89
C PRO A 476 7.46 1.35 26.75
N ILE A 477 6.22 1.35 26.26
CA ILE A 477 5.06 0.91 27.04
C ILE A 477 4.20 0.09 26.16
N LYS A 478 3.63 -0.98 26.66
CA LYS A 478 2.71 -1.80 25.86
C LYS A 478 1.30 -1.46 26.33
N PRO A 479 0.38 -1.21 25.41
CA PRO A 479 -0.98 -0.97 25.89
C PRO A 479 -1.60 -2.19 26.62
N ASN A 480 -2.80 -2.03 27.17
CA ASN A 480 -3.54 -3.14 27.76
C ASN A 480 -4.44 -3.69 26.71
N TYR A 481 -4.51 -5.00 26.60
CA TYR A 481 -5.39 -5.62 25.63
C TYR A 481 -6.32 -6.63 26.30
N ASP A 482 -7.59 -6.59 25.94
CA ASP A 482 -8.46 -7.69 26.22
C ASP A 482 -7.87 -8.98 25.59
N MET A 483 -7.95 -10.06 26.36
CA MET A 483 -7.46 -11.36 25.94
C MET A 483 -8.52 -12.36 25.52
N THR A 484 -9.80 -12.02 25.57
CA THR A 484 -10.83 -13.05 25.41
C THR A 484 -10.61 -13.98 24.22
N LEU A 485 -10.48 -13.43 23.02
CA LEU A 485 -10.33 -14.24 21.77
C LEU A 485 -8.95 -14.80 21.53
N THR A 486 -7.96 -14.21 22.15
CA THR A 486 -6.54 -14.61 21.98
C THR A 486 -6.22 -15.82 22.86
N ASN A 487 -6.84 -15.94 24.03
CA ASN A 487 -6.49 -17.03 24.93
C ASN A 487 -6.46 -18.42 24.31
N ALA A 488 -7.49 -18.77 23.55
CA ALA A 488 -7.57 -20.05 22.93
C ALA A 488 -6.37 -20.33 21.98
N CYS A 489 -5.95 -19.28 21.29
CA CYS A 489 -4.85 -19.37 20.34
C CYS A 489 -3.53 -19.67 21.05
N ILE A 490 -3.29 -18.91 22.09
CA ILE A 490 -2.07 -19.09 22.90
C ILE A 490 -2.07 -20.47 23.55
N ALA A 491 -3.22 -20.89 24.03
CA ALA A 491 -3.25 -22.17 24.74
C ALA A 491 -2.94 -23.31 23.78
N LEU A 492 -3.52 -23.31 22.59
CA LEU A 492 -3.20 -24.36 21.66
C LEU A 492 -1.74 -24.33 21.13
N SER A 493 -1.25 -23.13 20.87
CA SER A 493 0.14 -22.95 20.48
C SER A 493 1.08 -23.48 21.53
N GLN A 494 0.78 -23.14 22.79
CA GLN A 494 1.57 -23.66 23.89
C GLN A 494 1.52 -25.17 24.06
N ARG A 495 0.35 -25.78 23.90
CA ARG A 495 0.26 -27.25 23.88
C ARG A 495 1.19 -27.83 22.82
N TRP A 496 1.21 -27.22 21.65
CA TRP A 496 2.02 -27.84 20.59
C TRP A 496 3.55 -27.63 20.87
N ILE A 497 3.97 -26.45 21.33
CA ILE A 497 5.37 -26.16 21.60
C ILE A 497 5.92 -27.03 22.71
N THR A 498 5.14 -27.18 23.79
CA THR A 498 5.55 -28.08 24.84
C THR A 498 5.27 -29.56 24.68
N ALA A 499 4.61 -29.99 23.60
CA ALA A 499 4.33 -31.40 23.42
C ALA A 499 5.66 -32.12 23.20
N LYS A 500 5.78 -33.35 23.71
CA LYS A 500 6.76 -34.31 23.23
C LYS A 500 6.12 -35.35 22.35
N GLU A 501 6.96 -36.24 21.83
CA GLU A 501 6.46 -37.22 20.90
C GLU A 501 5.30 -37.98 21.47
N ASP A 502 5.35 -38.32 22.78
CA ASP A 502 4.24 -39.12 23.28
C ASP A 502 2.92 -38.37 23.57
N ASP A 503 2.93 -37.05 23.34
CA ASP A 503 1.75 -36.22 23.41
C ASP A 503 1.08 -35.98 22.04
N LEU A 504 1.81 -36.26 20.96
CA LEU A 504 1.31 -36.01 19.59
C LEU A 504 -0.03 -36.66 19.24
N ASN A 505 -0.25 -37.89 19.71
CA ASN A 505 -1.49 -38.61 19.58
C ASN A 505 -2.67 -37.89 20.20
N SER A 506 -2.46 -37.05 21.20
CA SER A 506 -3.60 -36.43 21.85
C SER A 506 -4.19 -35.25 21.02
N PHE A 507 -3.48 -34.77 19.99
CA PHE A 507 -4.03 -33.78 19.15
C PHE A 507 -5.04 -34.40 18.18
N ASN A 508 -6.04 -33.61 17.81
CA ASN A 508 -7.16 -34.09 17.00
C ASN A 508 -7.89 -32.90 16.32
N ALA A 509 -8.58 -33.15 15.21
CA ALA A 509 -9.28 -32.06 14.49
C ALA A 509 -10.24 -31.29 15.38
N THR A 510 -10.69 -31.91 16.45
CA THR A 510 -11.56 -31.22 17.37
C THR A 510 -10.90 -30.07 18.07
N ASP A 511 -9.58 -30.07 18.22
CA ASP A 511 -8.94 -28.85 18.77
C ASP A 511 -9.39 -27.51 18.07
N LEU A 512 -9.70 -27.58 16.78
CA LEU A 512 -10.00 -26.37 15.99
C LEU A 512 -11.47 -25.94 16.00
N LYS A 513 -12.33 -26.75 16.61
CA LYS A 513 -13.78 -26.67 16.34
C LYS A 513 -14.42 -25.32 16.73
N ASP A 514 -13.91 -24.67 17.75
CA ASP A 514 -14.49 -23.41 18.14
C ASP A 514 -13.62 -22.22 17.72
N LEU A 515 -12.72 -22.42 16.79
CA LEU A 515 -11.87 -21.34 16.39
C LEU A 515 -12.30 -20.74 15.09
N SER A 516 -12.37 -19.43 15.00
CA SER A 516 -12.56 -18.79 13.71
C SER A 516 -11.30 -18.87 12.82
N SER A 517 -11.42 -18.44 11.56
CA SER A 517 -10.29 -18.38 10.64
C SER A 517 -9.27 -17.40 11.22
N HIS A 518 -9.73 -16.32 11.86
CA HIS A 518 -8.80 -15.34 12.46
C HIS A 518 -8.02 -15.97 13.58
N GLN A 519 -8.66 -16.79 14.37
CA GLN A 519 -8.01 -17.46 15.49
C GLN A 519 -7.06 -18.57 15.03
N LEU A 520 -7.43 -19.24 13.94
CA LEU A 520 -6.51 -20.19 13.32
C LEU A 520 -5.20 -19.49 12.88
N ASN A 521 -5.35 -18.32 12.25
CA ASN A 521 -4.26 -17.48 11.84
C ASN A 521 -3.42 -17.05 13.02
N GLU A 522 -4.04 -16.60 14.11
CA GLU A 522 -3.27 -16.22 15.26
C GLU A 522 -2.56 -17.39 15.97
N PHE A 523 -3.19 -18.54 16.03
CA PHE A 523 -2.50 -19.78 16.46
C PHE A 523 -1.24 -20.05 15.64
N LEU A 524 -1.33 -19.91 14.32
CA LEU A 524 -0.10 -20.12 13.53
C LEU A 524 0.87 -19.02 13.73
N ALA A 525 0.41 -17.75 13.90
CA ALA A 525 1.36 -16.65 14.12
C ALA A 525 2.13 -16.90 15.41
N GLN A 526 1.39 -17.36 16.43
CA GLN A 526 1.94 -17.62 17.74
C GLN A 526 2.97 -18.73 17.63
N THR A 527 2.64 -19.75 16.87
CA THR A 527 3.56 -20.91 16.73
C THR A 527 4.85 -20.58 15.94
N LEU A 528 4.67 -19.78 14.91
CA LEU A 528 5.66 -19.33 14.03
C LEU A 528 6.64 -18.47 14.74
N GLN A 529 6.22 -17.71 15.76
CA GLN A 529 7.17 -16.96 16.55
C GLN A 529 8.19 -17.83 17.32
N ARG A 530 7.87 -19.11 17.51
CA ARG A 530 8.80 -20.02 18.18
C ARG A 530 9.36 -21.06 17.23
N ALA A 531 9.17 -20.84 15.95
CA ALA A 531 9.70 -21.77 14.97
C ALA A 531 11.24 -21.81 14.96
N PRO A 532 11.83 -22.96 14.64
CA PRO A 532 11.23 -24.22 14.19
C PRO A 532 10.62 -25.06 15.31
N LEU A 533 9.63 -25.85 14.93
CA LEU A 533 9.18 -26.98 15.76
C LEU A 533 9.79 -28.29 15.25
N PRO A 534 9.84 -29.35 16.06
CA PRO A 534 10.28 -30.62 15.46
C PRO A 534 9.45 -31.04 14.24
N LEU A 535 10.09 -31.68 13.27
CA LEU A 535 9.51 -32.03 12.01
C LEU A 535 8.32 -32.97 12.24
N GLY A 536 8.47 -33.89 13.18
CA GLY A 536 7.35 -34.79 13.43
C GLY A 536 6.16 -34.04 14.05
N HIS A 537 6.35 -32.91 14.77
CA HIS A 537 5.15 -32.16 15.21
C HIS A 537 4.40 -31.56 14.01
N ILE A 538 5.15 -30.94 13.14
CA ILE A 538 4.58 -30.32 11.94
C ILE A 538 3.87 -31.37 11.05
N LYS A 539 4.47 -32.54 10.94
CA LYS A 539 3.80 -33.61 10.22
C LYS A 539 2.52 -34.02 10.91
N ARG A 540 2.53 -34.13 12.24
CA ARG A 540 1.29 -34.45 12.93
C ARG A 540 0.25 -33.40 12.69
N MET A 541 0.67 -32.14 12.77
CA MET A 541 -0.25 -31.01 12.53
C MET A 541 -0.94 -31.13 11.20
N GLN A 542 -0.21 -31.46 10.13
CA GLN A 542 -0.86 -31.66 8.82
C GLN A 542 -1.85 -32.88 8.89
N GLU A 543 -1.41 -33.96 9.54
CA GLU A 543 -2.24 -35.17 9.70
C GLU A 543 -3.57 -34.89 10.40
N VAL A 544 -3.57 -34.05 11.45
CA VAL A 544 -4.81 -33.80 12.18
C VAL A 544 -5.58 -32.53 11.81
N TYR A 545 -4.90 -31.53 11.31
CA TYR A 545 -5.62 -30.30 11.01
C TYR A 545 -5.77 -30.09 9.47
N ASN A 546 -5.01 -30.79 8.64
CA ASN A 546 -5.05 -30.62 7.19
C ASN A 546 -4.93 -29.20 6.75
N PHE A 547 -3.94 -28.49 7.30
CA PHE A 547 -3.67 -27.08 6.86
C PHE A 547 -3.29 -26.99 5.41
N ASN A 548 -2.78 -28.08 4.85
CA ASN A 548 -2.51 -28.03 3.40
C ASN A 548 -3.71 -27.72 2.56
N ALA A 549 -4.90 -28.05 3.03
CA ALA A 549 -6.10 -27.82 2.29
C ALA A 549 -6.62 -26.40 2.42
N ILE A 550 -6.02 -25.55 3.25
CA ILE A 550 -6.63 -24.24 3.47
C ILE A 550 -6.17 -23.28 2.39
N ASN A 551 -7.13 -22.64 1.74
CA ASN A 551 -6.82 -21.64 0.72
C ASN A 551 -6.77 -20.18 1.19
N ASN A 552 -7.24 -19.90 2.39
CA ASN A 552 -7.04 -18.57 2.94
C ASN A 552 -5.56 -18.17 2.91
N SER A 553 -5.25 -17.05 2.25
CA SER A 553 -3.85 -16.80 1.90
C SER A 553 -3.07 -16.49 3.15
N GLU A 554 -3.67 -15.81 4.13
CA GLU A 554 -2.97 -15.49 5.39
C GLU A 554 -2.59 -16.72 6.16
N ILE A 555 -3.53 -17.62 6.29
CA ILE A 555 -3.29 -18.88 6.99
C ILE A 555 -2.26 -19.68 6.20
N ARG A 556 -2.48 -19.80 4.89
CA ARG A 556 -1.59 -20.64 4.09
C ARG A 556 -0.14 -20.15 4.11
N PHE A 557 0.02 -18.83 3.95
CA PHE A 557 1.27 -18.17 4.15
C PHE A 557 1.96 -18.58 5.44
N ARG A 558 1.30 -18.38 6.58
CA ARG A 558 1.97 -18.66 7.85
C ARG A 558 2.26 -20.18 8.06
N TRP A 559 1.34 -21.02 7.63
CA TRP A 559 1.54 -22.44 7.66
C TRP A 559 2.73 -22.87 6.84
N LEU A 560 2.84 -22.41 5.61
CA LEU A 560 3.98 -22.81 4.79
C LEU A 560 5.28 -22.30 5.33
N ARG A 561 5.31 -21.08 5.92
CA ARG A 561 6.52 -20.62 6.53
C ARG A 561 6.89 -21.55 7.69
N LEU A 562 5.90 -21.91 8.48
CA LEU A 562 6.14 -22.83 9.64
C LEU A 562 6.74 -24.18 9.13
N CYS A 563 6.20 -24.69 8.05
CA CYS A 563 6.75 -25.91 7.39
C CYS A 563 8.21 -25.86 6.92
N ILE A 564 8.53 -24.78 6.22
CA ILE A 564 9.84 -24.57 5.67
C ILE A 564 10.89 -24.27 6.73
N GLN A 565 10.54 -23.39 7.70
CA GLN A 565 11.40 -23.17 8.83
C GLN A 565 11.62 -24.41 9.66
N SER A 566 10.66 -25.34 9.70
CA SER A 566 10.84 -26.57 10.44
C SER A 566 11.40 -27.71 9.55
N LYS A 567 11.79 -27.35 8.31
CA LYS A 567 12.63 -28.19 7.41
C LYS A 567 11.84 -29.35 6.83
N TRP A 568 10.56 -29.16 6.54
CA TRP A 568 9.80 -30.18 5.85
C TRP A 568 9.94 -30.05 4.35
N GLU A 569 10.69 -30.96 3.75
CA GLU A 569 10.89 -30.98 2.30
C GLU A 569 9.61 -31.03 1.47
N ASP A 570 8.57 -31.69 1.99
CA ASP A 570 7.30 -31.82 1.24
C ASP A 570 6.69 -30.47 0.99
N ALA A 571 6.96 -29.52 1.87
CA ALA A 571 6.39 -28.18 1.74
C ALA A 571 7.09 -27.33 0.69
N ILE A 572 8.21 -27.81 0.19
CA ILE A 572 8.97 -26.97 -0.75
C ILE A 572 8.18 -26.59 -2.00
N PRO A 573 7.67 -27.60 -2.76
CA PRO A 573 6.86 -27.26 -3.94
C PRO A 573 5.63 -26.35 -3.60
N LEU A 574 5.04 -26.55 -2.43
CA LEU A 574 3.85 -25.74 -2.05
C LEU A 574 4.26 -24.26 -1.83
N ALA A 575 5.42 -24.07 -1.22
CA ALA A 575 5.93 -22.72 -0.91
C ALA A 575 6.41 -22.02 -2.15
N LEU A 576 7.06 -22.78 -3.03
CA LEU A 576 7.48 -22.21 -4.29
C LEU A 576 6.28 -21.81 -5.11
N LYS A 577 5.28 -22.67 -5.12
CA LYS A 577 4.12 -22.37 -5.91
C LYS A 577 3.41 -21.11 -5.39
N MET A 578 3.24 -21.00 -4.07
CA MET A 578 2.60 -19.81 -3.53
C MET A 578 3.45 -18.57 -3.80
N ALA A 579 4.77 -18.69 -3.69
CA ALA A 579 5.65 -17.50 -3.82
C ALA A 579 5.57 -16.87 -5.20
N THR A 580 5.27 -17.72 -6.19
CA THR A 580 5.27 -17.33 -7.61
C THR A 580 3.91 -17.22 -8.29
N GLU A 581 2.89 -17.90 -7.81
CA GLU A 581 1.58 -17.76 -8.43
C GLU A 581 0.89 -16.51 -8.03
N GLN A 582 1.31 -15.92 -6.91
CA GLN A 582 0.89 -14.55 -6.58
C GLN A 582 2.16 -13.76 -6.21
N GLY A 583 2.02 -12.44 -6.13
CA GLY A 583 3.14 -11.54 -5.96
C GLY A 583 2.94 -10.50 -4.86
N ARG A 584 2.01 -10.77 -3.96
CA ARG A 584 1.82 -9.82 -2.81
C ARG A 584 3.08 -9.90 -1.99
N MET A 585 3.80 -8.79 -1.90
CA MET A 585 5.09 -8.83 -1.22
C MET A 585 5.12 -9.37 0.20
N LYS A 586 4.08 -9.07 0.94
CA LYS A 586 3.88 -9.53 2.27
C LYS A 586 4.06 -11.03 2.33
N PHE A 587 3.64 -11.71 1.25
CA PHE A 587 3.77 -13.16 1.21
C PHE A 587 5.02 -13.64 0.44
N THR A 588 5.20 -13.10 -0.76
CA THR A 588 6.28 -13.54 -1.64
C THR A 588 7.68 -13.32 -1.06
N ARG A 589 7.90 -12.21 -0.36
CA ARG A 589 9.26 -11.98 0.12
C ARG A 589 9.67 -12.92 1.26
N PRO A 590 8.78 -13.16 2.25
CA PRO A 590 9.23 -14.07 3.29
C PRO A 590 9.25 -15.51 2.82
N LEU A 591 8.38 -15.86 1.88
CA LEU A 591 8.40 -17.22 1.32
C LEU A 591 9.76 -17.48 0.62
N PHE A 592 10.15 -16.61 -0.28
CA PHE A 592 11.46 -16.75 -0.92
C PHE A 592 12.62 -16.78 0.07
N LYS A 593 12.57 -15.87 1.04
CA LYS A 593 13.58 -15.80 2.06
C LYS A 593 13.69 -17.08 2.91
N ASP A 594 12.57 -17.61 3.32
CA ASP A 594 12.58 -18.86 4.03
C ASP A 594 13.12 -19.99 3.17
N LEU A 595 12.67 -20.06 1.92
CA LEU A 595 13.17 -21.04 0.93
C LEU A 595 14.70 -20.93 0.67
N ALA A 596 15.20 -19.70 0.63
CA ALA A 596 16.61 -19.49 0.45
C ALA A 596 17.42 -19.84 1.72
N ALA A 597 16.82 -19.76 2.92
CA ALA A 597 17.53 -20.11 4.18
C ALA A 597 17.51 -21.58 4.45
N PHE A 598 16.59 -22.31 3.84
CA PHE A 598 16.58 -23.77 3.90
C PHE A 598 17.53 -24.36 2.85
N ASP A 599 18.57 -25.04 3.30
CA ASP A 599 19.58 -25.56 2.37
C ASP A 599 18.98 -26.47 1.32
N LYS A 600 18.05 -27.34 1.68
CA LYS A 600 17.39 -28.19 0.64
C LYS A 600 16.63 -27.48 -0.52
N SER A 601 16.14 -26.28 -0.26
CA SER A 601 15.36 -25.55 -1.27
C SER A 601 16.11 -24.30 -1.79
N HIS A 602 17.31 -24.03 -1.28
CA HIS A 602 18.04 -22.81 -1.62
C HIS A 602 18.30 -22.63 -3.09
N ASP A 603 18.86 -23.66 -3.72
CA ASP A 603 19.19 -23.57 -5.16
C ASP A 603 17.95 -23.44 -6.03
N GLN A 604 16.93 -24.17 -5.69
CA GLN A 604 15.68 -23.99 -6.39
C GLN A 604 15.00 -22.62 -6.23
N ALA A 605 15.06 -22.07 -5.03
CA ALA A 605 14.55 -20.73 -4.77
C ALA A 605 15.24 -19.72 -5.69
N VAL A 606 16.55 -19.76 -5.74
CA VAL A 606 17.27 -18.81 -6.59
C VAL A 606 17.00 -19.04 -8.03
N ARG A 607 16.96 -20.32 -8.45
CA ARG A 607 16.60 -20.62 -9.86
C ARG A 607 15.20 -20.16 -10.26
N THR A 608 14.26 -20.34 -9.33
CA THR A 608 12.90 -19.98 -9.59
C THR A 608 12.80 -18.45 -9.69
N TYR A 609 13.51 -17.74 -8.83
CA TYR A 609 13.51 -16.30 -8.89
C TYR A 609 14.07 -15.86 -10.24
N GLN A 610 15.25 -16.40 -10.59
CA GLN A 610 15.84 -15.99 -11.89
C GLN A 610 14.94 -16.29 -13.04
N GLU A 611 14.22 -17.40 -13.01
CA GLU A 611 13.35 -17.73 -14.11
C GLU A 611 12.12 -16.79 -14.23
N HIS A 612 11.59 -16.31 -13.07
CA HIS A 612 10.33 -15.53 -13.05
C HIS A 612 10.55 -14.02 -13.14
N LYS A 613 11.77 -13.61 -12.84
CA LYS A 613 12.16 -12.22 -12.59
C LYS A 613 11.72 -11.27 -13.68
N ALA A 614 11.82 -11.67 -14.95
CA ALA A 614 11.43 -10.73 -16.05
C ALA A 614 9.94 -10.54 -16.11
N SER A 615 9.20 -11.53 -15.63
CA SER A 615 7.77 -11.44 -15.66
C SER A 615 7.12 -10.98 -14.27
N MET A 616 7.98 -10.54 -13.36
CA MET A 616 7.56 -10.06 -12.06
C MET A 616 7.30 -8.56 -12.09
N HIS A 617 6.59 -8.05 -11.06
CA HIS A 617 6.48 -6.62 -10.88
C HIS A 617 7.88 -6.05 -10.62
N PRO A 618 8.20 -4.87 -11.18
CA PRO A 618 9.59 -4.41 -11.11
C PRO A 618 10.08 -4.13 -9.70
N VAL A 619 9.19 -3.69 -8.82
CA VAL A 619 9.63 -3.42 -7.47
C VAL A 619 9.85 -4.72 -6.70
N THR A 620 8.88 -5.62 -6.82
CA THR A 620 8.97 -6.91 -6.24
C THR A 620 10.20 -7.61 -6.70
N ALA A 621 10.51 -7.53 -8.00
CA ALA A 621 11.67 -8.23 -8.56
C ALA A 621 12.89 -7.66 -7.91
N MET A 622 12.88 -6.34 -7.71
CA MET A 622 14.04 -5.69 -7.11
C MET A 622 14.22 -6.12 -5.67
N LEU A 623 13.16 -6.11 -4.90
CA LEU A 623 13.29 -6.42 -3.49
C LEU A 623 13.56 -7.90 -3.24
N VAL A 624 12.94 -8.79 -4.01
CA VAL A 624 13.21 -10.21 -3.81
C VAL A 624 14.68 -10.49 -4.13
N GLY A 625 15.18 -9.81 -5.16
CA GLY A 625 16.62 -9.83 -5.50
C GLY A 625 17.58 -9.45 -4.41
N LYS A 626 17.33 -8.30 -3.74
CA LYS A 626 18.09 -7.94 -2.58
C LYS A 626 17.95 -8.97 -1.47
N ASP A 627 16.74 -9.40 -1.17
CA ASP A 627 16.55 -10.35 -0.05
C ASP A 627 17.42 -11.58 -0.32
N LEU A 628 17.41 -12.10 -1.53
CA LEU A 628 18.10 -13.35 -1.83
C LEU A 628 19.59 -13.09 -2.15
N LYS A 629 20.01 -11.83 -2.15
CA LYS A 629 21.35 -11.41 -2.58
C LYS A 629 21.69 -11.95 -3.89
N VAL A 630 20.78 -11.86 -4.85
CA VAL A 630 21.17 -12.20 -6.19
C VAL A 630 21.06 -11.06 -7.17
N ASP A 631 22.23 -10.53 -7.51
CA ASP A 631 22.62 -10.28 -8.92
C ASP A 631 24.12 -10.61 -9.31
ZN ZN B . -2.29 1.89 4.23
YB YB C . -19.14 15.01 -17.69
YB YB D . -3.98 10.90 -30.28
YB YB E . 10.55 -23.61 -12.77
C ACT F . 23.48 -15.96 -15.78
O ACT F . 24.51 -16.67 -15.65
OXT ACT F . 23.39 -14.97 -15.01
CH3 ACT F . 22.39 -16.24 -16.81
C1 A4Z G . -0.99 -0.68 1.24
C2 A4Z G . 0.24 -0.02 0.67
C3 A4Z G . 1.41 -0.02 1.38
C4 A4Z G . 2.55 0.64 0.91
C5 A4Z G . 2.61 1.29 -0.30
C6 A4Z G . 1.42 1.25 -1.05
C7 A4Z G . 0.26 0.62 -0.55
C8 A4Z G . -1.74 0.23 2.20
O9 A4Z G . -2.89 0.71 2.00
N10 A4Z G . -0.99 0.70 3.13
O11 A4Z G . 0.18 1.28 2.65
O12 A4Z G . 3.76 1.91 -0.76
C13 A4Z G . 5.12 1.55 -0.32
C14 A4Z G . 6.15 2.64 -0.01
C15 A4Z G . 5.90 3.55 1.22
C16 A4Z G . 7.17 4.18 1.79
#